data_1G7U
#
_entry.id   1G7U
#
_cell.length_a   117.900
_cell.length_b   117.900
_cell.length_c   117.900
_cell.angle_alpha   90.00
_cell.angle_beta   90.00
_cell.angle_gamma   90.00
#
_symmetry.space_group_name_H-M   'I 2 3'
#
loop_
_entity.id
_entity.type
_entity.pdbx_description
1 polymer '2-DEHYDRO-3-DEOXYPHOSPHOOCTONATE ALDOLASE'
2 non-polymer PHOSPHOENOLPYRUVATE
3 water water
#
_entity_poly.entity_id   1
_entity_poly.type   'polypeptide(L)'
_entity_poly.pdbx_seq_one_letter_code
;MKQKVVSIGDINVANDLPFVLFGGMNVLESRDLAMRICEHYVTVTQKLGIPYVFKASFDKANRSSIHSYRGPGLEEGMKI
FQELKQTFGVKIITDVHEPSQAQPVADVVDVIQLPAFLARQTDLVEAMAKTGAVINVKKPQFVSPGQMGNIVDKFKEGGN
EKVILCDRGANFGYDNLVVDMLGFSIMKKVSGNSPVIFDVTHALQCRDPFVAASGGRRAQVAELARAGMAVGLAGLFIEA
HPDPEHAKCDGPSALPLAKLEPFLKQMKAIDDLVKGFEELDTSK
;
_entity_poly.pdbx_strand_id   A
#
# COMPACT_ATOMS: atom_id res chain seq x y z
N MET A 1 -13.15 -12.14 17.52
CA MET A 1 -11.82 -12.60 18.04
C MET A 1 -10.82 -11.43 17.99
N LYS A 2 -9.55 -11.72 18.21
CA LYS A 2 -8.52 -10.70 18.13
C LYS A 2 -8.04 -10.79 16.65
N GLN A 3 -7.30 -9.78 16.18
CA GLN A 3 -6.84 -9.72 14.78
C GLN A 3 -5.51 -10.39 14.59
N LYS A 4 -5.35 -11.15 13.50
CA LYS A 4 -4.09 -11.87 13.19
C LYS A 4 -3.00 -10.82 13.02
N VAL A 5 -1.74 -11.21 13.21
CA VAL A 5 -0.66 -10.22 13.18
C VAL A 5 0.65 -10.48 12.45
N VAL A 6 0.76 -10.13 11.16
CA VAL A 6 2.03 -10.33 10.45
C VAL A 6 3.04 -9.28 10.99
N SER A 7 4.17 -9.76 11.49
CA SER A 7 5.17 -8.94 12.12
C SER A 7 6.35 -8.48 11.29
N ILE A 8 6.50 -7.16 11.18
CA ILE A 8 7.59 -6.56 10.43
C ILE A 8 8.57 -5.88 11.39
N GLY A 9 9.59 -6.64 11.79
CA GLY A 9 10.58 -6.08 12.71
C GLY A 9 9.87 -5.52 13.92
N ASP A 10 10.21 -4.30 14.34
CA ASP A 10 9.55 -3.72 15.51
C ASP A 10 8.11 -3.30 15.17
N ILE A 11 7.80 -3.28 13.90
CA ILE A 11 6.46 -2.91 13.50
C ILE A 11 5.64 -4.18 13.39
N ASN A 12 4.38 -4.06 13.79
CA ASN A 12 3.46 -5.18 13.72
C ASN A 12 2.17 -4.61 13.23
N VAL A 13 1.80 -5.00 12.02
CA VAL A 13 0.56 -4.56 11.44
C VAL A 13 -0.46 -5.45 12.16
N ALA A 14 -1.70 -4.98 12.27
CA ALA A 14 -2.80 -5.72 12.90
C ALA A 14 -3.94 -4.73 12.96
N ASN A 15 -5.17 -5.24 12.95
CA ASN A 15 -6.32 -4.36 12.89
C ASN A 15 -6.69 -3.62 14.15
N ASP A 16 -6.06 -3.98 15.24
CA ASP A 16 -6.30 -3.24 16.48
C ASP A 16 -4.96 -2.70 16.99
N LEU A 17 -3.96 -2.82 16.12
CA LEU A 17 -2.62 -2.35 16.36
C LEU A 17 -2.52 -1.31 15.27
N PRO A 18 -2.40 -0.03 15.69
CA PRO A 18 -2.32 1.27 15.00
C PRO A 18 -2.10 1.24 13.47
N PHE A 19 -2.52 2.31 12.77
CA PHE A 19 -2.30 2.33 11.32
C PHE A 19 -0.82 2.51 11.00
N VAL A 20 -0.21 1.41 10.64
CA VAL A 20 1.16 1.46 10.27
C VAL A 20 1.14 2.24 8.93
N LEU A 21 2.17 3.05 8.68
CA LEU A 21 2.20 3.78 7.43
C LEU A 21 3.11 3.07 6.43
N PHE A 22 2.53 2.57 5.34
CA PHE A 22 3.37 2.00 4.29
C PHE A 22 3.49 3.25 3.42
N GLY A 23 4.36 4.17 3.81
CA GLY A 23 4.54 5.41 3.06
C GLY A 23 5.44 5.24 1.84
N GLY A 24 5.76 6.33 1.15
CA GLY A 24 6.64 6.21 -0.01
C GLY A 24 6.44 7.19 -1.15
N MET A 25 6.57 6.67 -2.36
CA MET A 25 6.40 7.42 -3.62
C MET A 25 6.21 6.34 -4.67
N ASN A 26 5.92 6.72 -5.91
CA ASN A 26 5.72 5.74 -6.96
C ASN A 26 7.02 5.38 -7.65
N VAL A 27 7.00 5.05 -8.95
CA VAL A 27 8.21 4.64 -9.72
C VAL A 27 9.56 5.08 -9.11
N LEU A 28 10.49 4.14 -8.93
CA LEU A 28 11.84 4.41 -8.36
C LEU A 28 12.64 5.28 -9.34
N GLU A 29 12.58 6.59 -9.16
CA GLU A 29 13.24 7.49 -10.10
C GLU A 29 14.74 7.76 -9.93
N SER A 30 15.11 8.67 -9.03
CA SER A 30 16.54 8.90 -8.87
C SER A 30 17.07 8.31 -7.55
N ARG A 31 18.10 7.46 -7.63
CA ARG A 31 18.75 6.84 -6.47
C ARG A 31 18.81 7.84 -5.30
N ASP A 32 18.82 9.12 -5.70
CA ASP A 32 18.87 10.23 -4.77
C ASP A 32 17.54 11.03 -4.74
N LEU A 33 16.65 10.85 -5.73
CA LEU A 33 15.31 11.51 -5.74
C LEU A 33 14.64 11.00 -4.50
N ALA A 34 14.71 9.67 -4.42
CA ALA A 34 14.19 8.87 -3.33
C ALA A 34 14.32 9.63 -2.07
N MET A 35 15.58 9.77 -1.66
CA MET A 35 16.01 10.44 -0.43
C MET A 35 15.17 11.62 0.06
N ARG A 36 14.84 12.57 -0.81
CA ARG A 36 14.00 13.69 -0.41
C ARG A 36 12.77 13.03 0.19
N ILE A 37 12.21 12.12 -0.60
CA ILE A 37 11.01 11.36 -0.26
C ILE A 37 11.25 10.34 0.85
N CYS A 38 12.41 9.70 0.86
CA CYS A 38 12.72 8.67 1.85
C CYS A 38 12.91 9.29 3.21
N GLU A 39 13.90 10.17 3.26
CA GLU A 39 14.27 10.91 4.46
C GLU A 39 13.11 11.69 5.09
N HIS A 40 12.37 12.42 4.25
CA HIS A 40 11.24 13.26 4.69
C HIS A 40 10.09 12.56 5.42
N TYR A 41 9.84 11.31 5.05
CA TYR A 41 8.81 10.51 5.71
C TYR A 41 9.35 10.11 7.07
N VAL A 42 10.57 9.57 7.06
CA VAL A 42 11.25 9.10 8.25
C VAL A 42 11.24 10.07 9.41
N THR A 43 11.53 11.34 9.14
CA THR A 43 11.52 12.30 10.23
C THR A 43 10.18 12.21 10.96
N VAL A 44 9.15 12.70 10.27
CA VAL A 44 7.75 12.77 10.72
C VAL A 44 7.17 11.56 11.44
N THR A 45 7.48 10.38 10.93
CA THR A 45 6.98 9.15 11.51
C THR A 45 7.27 9.31 12.99
N GLN A 46 8.57 9.34 13.27
CA GLN A 46 9.18 9.46 14.59
C GLN A 46 8.62 10.60 15.45
N LYS A 47 8.49 11.78 14.84
CA LYS A 47 7.95 12.93 15.54
C LYS A 47 6.58 12.60 16.08
N LEU A 48 5.87 11.71 15.39
CA LEU A 48 4.51 11.36 15.79
C LEU A 48 4.23 9.97 16.38
N GLY A 49 5.15 9.03 16.23
CA GLY A 49 4.90 7.72 16.79
C GLY A 49 4.07 6.90 15.84
N ILE A 50 4.34 7.14 14.57
CA ILE A 50 3.71 6.43 13.48
C ILE A 50 4.86 5.50 13.12
N PRO A 51 4.59 4.24 12.77
CA PRO A 51 5.73 3.41 12.44
C PRO A 51 5.96 3.69 10.97
N TYR A 52 7.07 3.25 10.42
CA TYR A 52 7.29 3.51 9.01
C TYR A 52 7.89 2.43 8.14
N VAL A 53 7.26 2.27 6.97
CA VAL A 53 7.67 1.32 5.94
C VAL A 53 7.64 2.22 4.70
N PHE A 54 8.78 2.33 4.04
CA PHE A 54 8.94 3.15 2.84
C PHE A 54 8.59 2.29 1.62
N LYS A 55 7.78 2.84 0.72
CA LYS A 55 7.34 2.18 -0.51
C LYS A 55 8.06 2.75 -1.75
N ALA A 56 8.57 1.85 -2.57
CA ALA A 56 9.29 2.21 -3.79
C ALA A 56 9.16 1.05 -4.76
N SER A 57 9.09 1.35 -6.04
CA SER A 57 8.90 0.31 -7.04
C SER A 57 9.99 0.29 -8.13
N PHE A 58 10.56 -0.89 -8.42
CA PHE A 58 11.62 -0.99 -9.40
C PHE A 58 11.24 -1.09 -10.87
N ASP A 59 9.96 -0.95 -11.23
CA ASP A 59 9.55 -1.12 -12.65
C ASP A 59 8.33 -0.35 -13.18
N LYS A 60 7.98 -0.60 -14.44
CA LYS A 60 6.86 0.04 -15.12
C LYS A 60 5.80 -0.98 -15.56
N ALA A 61 5.89 -1.42 -16.82
CA ALA A 61 4.96 -2.39 -17.40
C ALA A 61 3.54 -1.85 -17.63
N ASN A 62 2.98 -1.14 -16.65
CA ASN A 62 1.62 -0.59 -16.78
C ASN A 62 1.57 0.80 -17.50
N ARG A 63 0.83 0.82 -18.62
CA ARG A 63 0.59 1.93 -19.57
C ARG A 63 1.73 2.08 -20.63
N SER A 64 2.00 3.31 -21.10
CA SER A 64 3.02 3.65 -22.14
C SER A 64 4.40 2.88 -22.26
N SER A 65 4.88 2.58 -23.48
CA SER A 65 6.11 1.74 -23.60
C SER A 65 7.28 1.89 -24.63
N ILE A 66 7.80 0.72 -25.04
CA ILE A 66 8.97 0.53 -25.91
C ILE A 66 10.17 1.19 -25.19
N HIS A 67 10.05 1.19 -23.86
CA HIS A 67 10.96 1.75 -22.85
C HIS A 67 10.37 2.92 -22.06
N SER A 68 9.61 3.82 -22.70
CA SER A 68 8.97 4.96 -22.00
C SER A 68 9.13 5.06 -20.46
N TYR A 69 10.30 5.51 -19.98
CA TYR A 69 10.60 5.68 -18.52
C TYR A 69 10.17 4.45 -17.71
N ARG A 70 10.55 3.26 -18.17
CA ARG A 70 10.15 2.01 -17.52
C ARG A 70 10.64 1.76 -16.09
N GLY A 71 11.49 2.62 -15.54
CA GLY A 71 11.99 2.36 -14.20
C GLY A 71 13.30 1.52 -14.15
N PRO A 72 14.08 1.69 -13.08
CA PRO A 72 15.38 1.10 -12.67
C PRO A 72 15.83 -0.30 -13.09
N GLY A 73 14.90 -1.22 -13.40
CA GLY A 73 15.26 -2.57 -13.79
C GLY A 73 15.87 -3.25 -12.61
N LEU A 74 15.26 -4.36 -12.16
CA LEU A 74 15.71 -5.10 -10.99
C LEU A 74 17.16 -4.82 -10.61
N GLU A 75 18.12 -5.17 -11.50
CA GLU A 75 19.54 -4.95 -11.25
C GLU A 75 19.75 -3.54 -10.69
N GLU A 76 19.81 -2.53 -11.53
CA GLU A 76 20.04 -1.22 -10.94
C GLU A 76 18.98 -0.76 -9.93
N GLY A 77 17.79 -1.33 -10.01
CA GLY A 77 16.74 -0.92 -9.09
C GLY A 77 17.08 -1.22 -7.65
N MET A 78 17.33 -2.51 -7.40
CA MET A 78 17.64 -3.07 -6.09
C MET A 78 18.80 -2.46 -5.29
N LYS A 79 19.65 -1.73 -6.00
CA LYS A 79 20.78 -1.05 -5.38
C LYS A 79 20.16 0.07 -4.55
N ILE A 80 19.54 1.04 -5.23
CA ILE A 80 18.92 2.21 -4.59
C ILE A 80 18.22 1.90 -3.28
N PHE A 81 17.61 0.73 -3.22
CA PHE A 81 16.94 0.31 -2.01
C PHE A 81 18.00 0.22 -0.93
N GLN A 82 18.93 -0.70 -1.17
CA GLN A 82 20.06 -0.97 -0.30
C GLN A 82 20.77 0.28 0.25
N GLU A 83 20.61 1.41 -0.43
CA GLU A 83 21.24 2.66 -0.01
C GLU A 83 20.45 3.25 1.14
N LEU A 84 19.36 3.96 0.84
CA LEU A 84 18.49 4.57 1.85
C LEU A 84 18.17 3.59 3.00
N LYS A 85 18.37 2.31 2.68
CA LYS A 85 18.18 1.20 3.60
C LYS A 85 18.83 1.62 4.91
N GLN A 86 20.12 1.33 5.07
CA GLN A 86 20.85 1.67 6.30
C GLN A 86 21.02 3.16 6.43
N THR A 87 20.94 3.89 5.31
CA THR A 87 21.13 5.34 5.35
C THR A 87 20.33 5.83 6.54
N PHE A 88 19.19 5.14 6.75
CA PHE A 88 18.28 5.35 7.88
C PHE A 88 17.55 4.00 8.18
N GLY A 89 18.33 2.90 8.04
CA GLY A 89 17.90 1.53 8.26
C GLY A 89 16.41 1.40 8.42
N VAL A 90 15.67 1.27 7.30
CA VAL A 90 14.19 1.19 7.31
C VAL A 90 13.59 0.11 6.46
N LYS A 91 12.33 -0.23 6.80
CA LYS A 91 11.52 -1.28 6.13
C LYS A 91 10.93 -0.85 4.79
N ILE A 92 11.33 -1.49 3.70
CA ILE A 92 10.82 -1.08 2.40
C ILE A 92 9.80 -2.09 1.78
N ILE A 93 9.39 -1.87 0.53
CA ILE A 93 8.43 -2.76 -0.16
C ILE A 93 8.43 -2.76 -1.71
N THR A 94 8.36 -3.95 -2.31
CA THR A 94 8.30 -4.03 -3.76
C THR A 94 7.55 -5.18 -4.45
N ASP A 95 6.75 -4.75 -5.41
CA ASP A 95 5.90 -5.61 -6.22
C ASP A 95 6.67 -6.32 -7.27
N VAL A 96 6.66 -7.64 -7.28
CA VAL A 96 7.35 -8.36 -8.37
C VAL A 96 6.40 -8.28 -9.57
N HIS A 97 6.63 -9.07 -10.60
CA HIS A 97 5.79 -9.02 -11.78
C HIS A 97 5.62 -10.32 -12.52
N GLU A 98 6.72 -11.03 -12.69
CA GLU A 98 6.70 -12.29 -13.39
C GLU A 98 7.71 -13.19 -12.60
N PRO A 99 7.17 -14.19 -11.86
CA PRO A 99 7.80 -15.20 -11.00
C PRO A 99 9.30 -15.09 -10.72
N SER A 100 10.15 -15.68 -11.57
CA SER A 100 11.63 -15.68 -11.45
C SER A 100 12.19 -14.66 -10.46
N GLN A 101 12.20 -13.40 -10.90
CA GLN A 101 12.66 -12.23 -10.13
C GLN A 101 12.02 -12.06 -8.73
N ALA A 102 11.21 -13.04 -8.30
CA ALA A 102 10.50 -13.08 -7.00
C ALA A 102 11.35 -13.43 -5.79
N GLN A 103 12.64 -13.70 -6.02
CA GLN A 103 13.53 -13.99 -4.91
C GLN A 103 14.54 -12.88 -4.77
N PRO A 104 15.26 -12.53 -5.85
CA PRO A 104 16.22 -11.45 -5.66
C PRO A 104 15.54 -10.28 -5.02
N VAL A 105 14.44 -9.85 -5.61
CA VAL A 105 13.69 -8.71 -5.07
C VAL A 105 13.53 -8.97 -3.58
N ALA A 106 13.08 -10.20 -3.28
CA ALA A 106 12.87 -10.62 -1.91
C ALA A 106 14.16 -10.81 -1.13
N ASP A 107 14.90 -9.72 -0.94
CA ASP A 107 16.14 -9.71 -0.17
C ASP A 107 16.45 -8.28 0.34
N VAL A 108 16.18 -7.25 -0.49
CA VAL A 108 16.40 -5.84 -0.09
C VAL A 108 15.09 -5.29 0.54
N VAL A 109 13.96 -5.64 -0.06
CA VAL A 109 12.66 -5.21 0.43
C VAL A 109 12.24 -6.05 1.62
N ASP A 110 11.40 -5.47 2.47
CA ASP A 110 10.90 -6.16 3.66
C ASP A 110 9.48 -6.74 3.35
N VAL A 111 8.66 -6.02 2.58
CA VAL A 111 7.31 -6.49 2.24
C VAL A 111 7.05 -6.58 0.73
N ILE A 112 7.29 -7.73 0.10
CA ILE A 112 7.05 -7.82 -1.33
C ILE A 112 5.58 -7.49 -1.58
N GLN A 113 5.19 -7.32 -2.86
CA GLN A 113 3.80 -6.96 -3.19
C GLN A 113 3.35 -7.53 -4.52
N LEU A 114 2.12 -8.01 -4.62
CA LEU A 114 1.59 -8.61 -5.86
C LEU A 114 0.55 -7.69 -6.49
N PRO A 115 0.84 -7.16 -7.68
CA PRO A 115 -0.01 -6.24 -8.46
C PRO A 115 -1.49 -6.65 -8.65
N ALA A 116 -2.44 -5.74 -8.39
CA ALA A 116 -3.89 -6.05 -8.54
C ALA A 116 -4.21 -6.89 -9.76
N PHE A 117 -3.49 -6.59 -10.82
CA PHE A 117 -3.64 -7.24 -12.12
C PHE A 117 -3.25 -8.68 -12.28
N LEU A 118 -2.42 -9.19 -11.37
CA LEU A 118 -1.96 -10.58 -11.43
C LEU A 118 -2.43 -11.44 -10.25
N ALA A 119 -3.29 -10.88 -9.39
CA ALA A 119 -3.78 -11.59 -8.20
C ALA A 119 -4.26 -13.02 -8.46
N ARG A 120 -5.05 -13.19 -9.50
CA ARG A 120 -5.52 -14.51 -9.81
C ARG A 120 -4.51 -15.12 -10.80
N GLN A 121 -3.22 -15.12 -10.46
CA GLN A 121 -2.20 -15.68 -11.38
C GLN A 121 -1.53 -16.99 -10.93
N THR A 122 -1.83 -17.44 -9.72
CA THR A 122 -1.26 -18.66 -9.19
C THR A 122 0.26 -18.74 -9.20
N ASP A 123 0.88 -19.04 -10.33
CA ASP A 123 2.34 -19.14 -10.37
C ASP A 123 3.16 -18.03 -9.71
N LEU A 124 2.53 -16.90 -9.35
CA LEU A 124 3.25 -15.84 -8.64
C LEU A 124 2.92 -15.99 -7.13
N VAL A 125 1.76 -16.56 -6.82
CA VAL A 125 1.34 -16.85 -5.44
C VAL A 125 2.35 -17.90 -5.03
N GLU A 126 2.46 -18.87 -5.92
CA GLU A 126 3.35 -19.98 -5.81
C GLU A 126 4.77 -19.39 -5.75
N ALA A 127 5.12 -18.57 -6.74
CA ALA A 127 6.43 -17.94 -6.83
C ALA A 127 6.69 -16.77 -5.85
N MET A 128 5.90 -16.69 -4.79
CA MET A 128 6.13 -15.67 -3.77
C MET A 128 5.98 -16.45 -2.47
N ALA A 129 5.58 -17.71 -2.60
CA ALA A 129 5.40 -18.60 -1.47
C ALA A 129 6.67 -19.40 -1.25
N LYS A 130 7.29 -19.80 -2.37
CA LYS A 130 8.56 -20.53 -2.37
C LYS A 130 9.55 -19.39 -2.15
N THR A 131 9.23 -18.62 -1.12
CA THR A 131 9.92 -17.44 -0.64
C THR A 131 9.69 -17.54 0.89
N GLY A 132 8.75 -16.76 1.40
CA GLY A 132 8.51 -16.72 2.82
C GLY A 132 8.98 -15.36 3.34
N ALA A 133 8.35 -14.30 2.84
CA ALA A 133 8.63 -12.90 3.22
C ALA A 133 7.28 -12.31 3.62
N VAL A 134 7.15 -11.00 3.64
CA VAL A 134 5.83 -10.46 3.99
C VAL A 134 5.18 -10.07 2.69
N ILE A 135 4.06 -10.71 2.36
CA ILE A 135 3.34 -10.38 1.12
C ILE A 135 2.19 -9.38 1.32
N ASN A 136 1.97 -8.51 0.34
CA ASN A 136 0.90 -7.49 0.38
C ASN A 136 -0.05 -7.58 -0.84
N VAL A 137 -0.93 -8.57 -0.82
CA VAL A 137 -1.91 -8.81 -1.88
C VAL A 137 -2.70 -7.55 -2.26
N LYS A 138 -2.21 -6.77 -3.23
CA LYS A 138 -2.91 -5.57 -3.61
C LYS A 138 -4.24 -6.00 -4.23
N LYS A 139 -5.35 -5.52 -3.64
CA LYS A 139 -6.73 -5.88 -4.03
C LYS A 139 -7.26 -5.36 -5.31
N PRO A 140 -7.73 -6.27 -6.16
CA PRO A 140 -8.26 -5.83 -7.45
C PRO A 140 -9.58 -5.04 -7.44
N GLN A 141 -9.66 -4.07 -8.34
CA GLN A 141 -10.83 -3.23 -8.42
C GLN A 141 -12.12 -3.86 -8.89
N PHE A 142 -12.03 -5.14 -9.30
CA PHE A 142 -13.17 -5.89 -9.82
C PHE A 142 -13.57 -7.11 -8.98
N VAL A 143 -12.91 -7.27 -7.84
CA VAL A 143 -13.12 -8.37 -6.91
C VAL A 143 -13.93 -7.91 -5.72
N SER A 144 -15.03 -8.60 -5.44
CA SER A 144 -15.82 -8.21 -4.30
C SER A 144 -14.92 -8.62 -3.15
N PRO A 145 -14.85 -7.80 -2.06
CA PRO A 145 -13.99 -8.14 -0.92
C PRO A 145 -13.97 -9.66 -0.67
N GLY A 146 -15.16 -10.21 -0.58
CA GLY A 146 -15.34 -11.61 -0.31
C GLY A 146 -14.66 -12.67 -1.14
N GLN A 147 -13.76 -12.29 -2.04
CA GLN A 147 -13.06 -13.30 -2.81
C GLN A 147 -11.59 -13.32 -2.30
N MET A 148 -11.23 -12.31 -1.51
CA MET A 148 -9.88 -12.23 -0.99
C MET A 148 -9.46 -13.43 -0.10
N GLY A 149 -10.41 -14.21 0.36
CA GLY A 149 -10.01 -15.35 1.14
C GLY A 149 -9.57 -16.41 0.15
N ASN A 150 -9.49 -16.03 -1.12
CA ASN A 150 -9.11 -16.98 -2.16
C ASN A 150 -7.76 -16.63 -2.85
N ILE A 151 -7.03 -15.69 -2.26
CA ILE A 151 -5.70 -15.28 -2.71
C ILE A 151 -4.85 -15.69 -1.51
N VAL A 152 -5.47 -15.50 -0.34
CA VAL A 152 -4.91 -15.83 0.97
C VAL A 152 -4.74 -17.36 1.11
N ASP A 153 -5.81 -18.09 0.84
CA ASP A 153 -5.83 -19.54 0.90
C ASP A 153 -4.61 -20.14 0.27
N LYS A 154 -4.51 -20.04 -1.05
CA LYS A 154 -3.40 -20.61 -1.77
C LYS A 154 -2.04 -20.09 -1.34
N PHE A 155 -1.98 -18.92 -0.71
CA PHE A 155 -0.70 -18.35 -0.25
C PHE A 155 -0.14 -19.28 0.84
N LYS A 156 -0.96 -19.51 1.85
CA LYS A 156 -0.62 -20.39 2.94
C LYS A 156 -0.31 -21.75 2.34
N GLU A 157 -1.13 -22.11 1.37
CA GLU A 157 -1.07 -23.36 0.63
C GLU A 157 0.25 -23.47 -0.07
N GLY A 158 0.87 -22.32 -0.30
CA GLY A 158 2.17 -22.24 -0.96
C GLY A 158 3.32 -22.21 0.05
N GLY A 159 2.97 -22.38 1.32
CA GLY A 159 3.94 -22.39 2.40
C GLY A 159 3.88 -21.09 3.16
N ASN A 160 3.57 -20.02 2.42
CA ASN A 160 3.50 -18.65 2.92
C ASN A 160 2.21 -18.27 3.64
N GLU A 161 2.30 -17.80 4.88
CA GLU A 161 1.11 -17.39 5.62
C GLU A 161 1.13 -15.89 5.89
N LYS A 162 2.35 -15.34 5.98
CA LYS A 162 2.55 -13.92 6.24
C LYS A 162 1.93 -13.00 5.16
N VAL A 163 0.60 -12.83 5.21
CA VAL A 163 -0.15 -12.01 4.25
C VAL A 163 -0.74 -10.70 4.79
N ILE A 164 -0.97 -9.78 3.86
CA ILE A 164 -1.55 -8.46 4.14
C ILE A 164 -2.55 -8.16 2.99
N LEU A 165 -3.62 -7.42 3.30
CA LEU A 165 -4.61 -7.09 2.27
C LEU A 165 -4.77 -5.58 2.05
N CYS A 166 -4.30 -5.10 0.90
CA CYS A 166 -4.38 -3.68 0.58
C CYS A 166 -5.55 -3.33 -0.33
N ASP A 167 -6.51 -2.58 0.19
CA ASP A 167 -7.67 -2.15 -0.62
C ASP A 167 -7.40 -0.81 -1.32
N ARG A 168 -7.75 -0.75 -2.62
CA ARG A 168 -7.53 0.42 -3.45
C ARG A 168 -8.79 1.08 -4.03
N GLY A 169 -9.94 0.45 -3.86
CA GLY A 169 -11.18 0.99 -4.39
C GLY A 169 -11.60 0.11 -5.54
N ALA A 170 -12.89 0.08 -5.86
CA ALA A 170 -13.42 -0.73 -6.97
C ALA A 170 -13.89 0.24 -8.03
N ASN A 171 -14.08 -0.23 -9.25
CA ASN A 171 -14.55 0.72 -10.26
C ASN A 171 -16.03 1.02 -10.10
N PHE A 172 -16.44 2.19 -10.56
CA PHE A 172 -17.80 2.69 -10.45
C PHE A 172 -18.27 3.24 -11.79
N GLY A 173 -18.92 2.40 -12.59
CA GLY A 173 -19.33 2.85 -13.90
C GLY A 173 -18.00 2.94 -14.65
N TYR A 174 -17.99 3.33 -15.92
CA TYR A 174 -16.73 3.42 -16.66
C TYR A 174 -15.85 4.45 -16.01
N ASP A 175 -14.56 4.28 -16.18
CA ASP A 175 -13.53 5.14 -15.62
C ASP A 175 -13.82 6.01 -14.39
N ASN A 176 -13.86 5.33 -13.24
CA ASN A 176 -14.08 5.88 -11.89
C ASN A 176 -13.79 4.75 -10.93
N LEU A 177 -13.52 5.08 -9.67
CA LEU A 177 -13.25 4.11 -8.59
C LEU A 177 -14.08 4.62 -7.43
N VAL A 178 -14.24 3.78 -6.41
CA VAL A 178 -14.99 4.12 -5.20
C VAL A 178 -14.37 3.24 -4.13
N VAL A 179 -14.83 3.36 -2.89
CA VAL A 179 -14.38 2.52 -1.77
C VAL A 179 -15.53 2.37 -0.83
N ASP A 180 -15.90 1.15 -0.50
CA ASP A 180 -16.96 1.03 0.48
C ASP A 180 -16.25 0.65 1.75
N MET A 181 -16.42 1.49 2.77
CA MET A 181 -15.80 1.30 4.06
C MET A 181 -16.32 0.02 4.72
N LEU A 182 -17.36 -0.55 4.11
CA LEU A 182 -17.94 -1.78 4.62
C LEU A 182 -17.26 -2.98 4.01
N GLY A 183 -16.32 -2.77 3.09
CA GLY A 183 -15.62 -3.85 2.44
C GLY A 183 -14.45 -4.31 3.27
N PHE A 184 -13.99 -3.40 4.10
CA PHE A 184 -12.89 -3.65 4.99
C PHE A 184 -13.15 -4.91 5.82
N SER A 185 -14.01 -4.85 6.84
CA SER A 185 -14.31 -6.04 7.66
C SER A 185 -14.55 -7.29 6.80
N ILE A 186 -15.46 -7.18 5.84
CA ILE A 186 -15.75 -8.27 4.93
C ILE A 186 -14.46 -8.91 4.45
N MET A 187 -13.47 -8.10 4.11
CA MET A 187 -12.18 -8.63 3.71
C MET A 187 -11.48 -9.13 4.99
N LYS A 188 -11.61 -8.36 6.08
CA LYS A 188 -11.00 -8.71 7.36
C LYS A 188 -11.34 -10.13 7.81
N LYS A 189 -12.64 -10.45 7.77
CA LYS A 189 -13.18 -11.75 8.16
C LYS A 189 -12.90 -12.94 7.21
N VAL A 190 -12.84 -12.73 5.91
CA VAL A 190 -12.55 -13.87 5.04
C VAL A 190 -11.03 -14.13 5.10
N SER A 191 -10.30 -13.06 5.39
CA SER A 191 -8.86 -13.13 5.45
C SER A 191 -8.58 -13.45 6.89
N GLY A 192 -8.46 -14.74 7.23
CA GLY A 192 -8.19 -15.17 8.60
C GLY A 192 -7.90 -14.07 9.63
N ASN A 193 -8.93 -13.26 9.86
CA ASN A 193 -8.87 -12.11 10.74
C ASN A 193 -7.63 -11.29 10.59
N SER A 194 -7.05 -11.42 9.38
CA SER A 194 -5.84 -10.79 8.88
C SER A 194 -5.87 -9.28 8.82
N PRO A 195 -4.70 -8.64 8.68
CA PRO A 195 -4.52 -7.18 8.60
C PRO A 195 -4.92 -6.56 7.26
N VAL A 196 -5.83 -5.55 7.32
CA VAL A 196 -6.38 -4.81 6.16
C VAL A 196 -5.91 -3.33 6.08
N ILE A 197 -5.40 -2.95 4.89
CA ILE A 197 -4.85 -1.61 4.66
C ILE A 197 -5.35 -0.81 3.43
N PHE A 198 -5.54 0.50 3.61
CA PHE A 198 -6.08 1.44 2.61
C PHE A 198 -5.03 2.15 1.81
N ASP A 199 -5.13 2.00 0.50
CA ASP A 199 -4.26 2.66 -0.45
C ASP A 199 -5.14 3.78 -0.96
N VAL A 200 -4.79 5.02 -0.64
CA VAL A 200 -5.61 6.15 -1.08
C VAL A 200 -5.17 6.85 -2.37
N THR A 201 -3.91 6.74 -2.78
CA THR A 201 -3.50 7.39 -4.00
C THR A 201 -4.16 6.67 -5.19
N HIS A 202 -3.81 5.39 -5.37
CA HIS A 202 -4.34 4.57 -6.47
C HIS A 202 -5.83 4.39 -6.46
N ALA A 203 -6.40 4.84 -5.37
CA ALA A 203 -7.82 4.77 -5.12
C ALA A 203 -8.46 6.07 -5.61
N LEU A 204 -8.31 7.09 -4.77
CA LEU A 204 -8.83 8.41 -5.04
C LEU A 204 -8.52 8.75 -6.47
N GLN A 205 -7.37 8.27 -6.95
CA GLN A 205 -6.92 8.53 -8.32
C GLN A 205 -8.03 8.83 -9.31
N CYS A 206 -8.93 7.87 -9.51
CA CYS A 206 -10.04 8.06 -10.45
C CYS A 206 -11.29 8.55 -9.74
N ARG A 207 -11.39 8.27 -8.45
CA ARG A 207 -12.54 8.71 -7.65
C ARG A 207 -12.74 10.22 -7.85
N ASP A 208 -11.65 11.00 -7.84
CA ASP A 208 -11.82 12.42 -8.08
C ASP A 208 -12.42 12.62 -9.46
N PRO A 209 -11.95 11.86 -10.49
CA PRO A 209 -12.49 11.95 -11.85
C PRO A 209 -13.80 11.25 -12.04
N PHE A 210 -14.75 12.12 -12.32
CA PHE A 210 -16.15 11.85 -12.57
C PHE A 210 -16.28 13.15 -13.39
N VAL A 211 -15.67 13.11 -14.59
CA VAL A 211 -15.65 14.25 -15.50
C VAL A 211 -17.01 14.86 -15.75
N ALA A 212 -16.97 16.15 -16.07
CA ALA A 212 -18.09 17.07 -16.29
C ALA A 212 -17.72 17.75 -14.99
N ALA A 213 -18.02 17.06 -13.90
CA ALA A 213 -17.67 17.57 -12.59
C ALA A 213 -16.28 17.02 -12.32
N SER A 214 -15.35 17.28 -13.25
CA SER A 214 -13.93 16.87 -13.11
C SER A 214 -13.02 17.26 -14.30
N GLY A 215 -12.90 16.39 -15.29
CA GLY A 215 -12.07 16.65 -16.46
C GLY A 215 -10.73 17.33 -16.25
N GLY A 216 -10.20 17.25 -15.02
CA GLY A 216 -8.92 17.88 -14.68
C GLY A 216 -8.43 17.87 -13.24
N ARG A 217 -8.01 16.69 -12.77
CA ARG A 217 -7.44 16.41 -11.42
C ARG A 217 -8.16 16.87 -10.12
N ARG A 218 -7.39 17.50 -9.22
CA ARG A 218 -7.81 17.99 -7.91
C ARG A 218 -7.74 16.89 -6.83
N ALA A 219 -7.13 17.23 -5.69
CA ALA A 219 -6.94 16.26 -4.60
C ALA A 219 -7.48 16.56 -3.20
N GLN A 220 -7.89 15.46 -2.56
CA GLN A 220 -8.46 15.41 -1.21
C GLN A 220 -8.10 14.05 -0.63
N VAL A 221 -6.80 13.81 -0.50
CA VAL A 221 -6.28 12.55 0.01
C VAL A 221 -6.63 12.29 1.47
N ALA A 222 -6.35 13.28 2.32
CA ALA A 222 -6.63 13.18 3.75
C ALA A 222 -8.13 13.11 4.07
N GLU A 223 -8.94 13.81 3.27
CA GLU A 223 -10.40 13.84 3.41
C GLU A 223 -11.04 12.46 3.18
N LEU A 224 -10.40 11.66 2.35
CA LEU A 224 -10.88 10.32 2.06
C LEU A 224 -10.09 9.30 2.89
N ALA A 225 -8.84 9.63 3.24
CA ALA A 225 -8.00 8.73 4.04
C ALA A 225 -8.39 8.80 5.50
N ARG A 226 -9.30 9.71 5.84
CA ARG A 226 -9.79 9.84 7.22
C ARG A 226 -10.90 8.84 7.45
N ALA A 227 -11.65 8.58 6.37
CA ALA A 227 -12.78 7.65 6.31
C ALA A 227 -12.28 6.25 6.62
N GLY A 228 -11.23 5.86 5.93
CA GLY A 228 -10.64 4.57 6.15
C GLY A 228 -10.18 4.49 7.59
N MET A 229 -9.28 5.39 7.98
CA MET A 229 -8.77 5.43 9.35
C MET A 229 -9.86 5.44 10.41
N ALA A 230 -11.00 6.06 10.11
CA ALA A 230 -12.14 6.18 11.05
C ALA A 230 -13.04 4.98 11.13
N VAL A 231 -12.60 3.87 10.56
CA VAL A 231 -13.37 2.65 10.61
C VAL A 231 -12.52 1.64 11.36
N GLY A 232 -11.21 1.67 11.13
CA GLY A 232 -10.29 0.77 11.82
C GLY A 232 -9.32 -0.03 10.96
N LEU A 233 -8.42 0.65 10.28
CA LEU A 233 -7.50 -0.06 9.40
C LEU A 233 -6.20 -0.38 10.06
N ALA A 234 -5.60 -1.48 9.59
CA ALA A 234 -4.32 -1.94 10.10
C ALA A 234 -3.30 -0.90 9.73
N GLY A 235 -3.50 -0.29 8.56
CA GLY A 235 -2.60 0.75 8.09
C GLY A 235 -3.16 1.61 6.98
N LEU A 236 -2.32 2.53 6.52
CA LEU A 236 -2.63 3.46 5.45
C LEU A 236 -1.51 3.28 4.42
N PHE A 237 -1.74 3.68 3.17
CA PHE A 237 -0.71 3.51 2.14
C PHE A 237 -0.73 4.71 1.23
N ILE A 238 0.35 5.47 1.18
CA ILE A 238 0.36 6.65 0.36
C ILE A 238 1.74 6.87 -0.22
N GLU A 239 1.78 7.63 -1.31
CA GLU A 239 2.98 7.97 -2.06
C GLU A 239 3.05 9.47 -2.16
N ALA A 240 4.25 10.02 -2.06
CA ALA A 240 4.40 11.46 -2.09
C ALA A 240 5.36 11.99 -3.11
N HIS A 241 5.32 13.31 -3.25
CA HIS A 241 6.19 14.02 -4.15
C HIS A 241 6.00 15.53 -3.95
N PRO A 242 7.06 16.31 -4.21
CA PRO A 242 7.06 17.76 -4.08
C PRO A 242 6.21 18.38 -5.19
N ASP A 243 6.53 18.05 -6.43
CA ASP A 243 5.72 18.58 -7.50
C ASP A 243 4.96 17.35 -8.00
N PRO A 244 4.04 16.84 -7.15
CA PRO A 244 3.15 15.68 -7.28
C PRO A 244 3.66 14.34 -7.79
N GLU A 245 4.83 14.34 -8.44
CA GLU A 245 5.51 13.16 -9.00
C GLU A 245 5.51 13.17 -10.50
N HIS A 246 6.66 12.82 -11.08
CA HIS A 246 6.75 12.69 -12.51
C HIS A 246 5.82 11.48 -12.74
N ALA A 247 5.84 10.53 -11.79
CA ALA A 247 5.00 9.33 -11.88
C ALA A 247 3.62 9.45 -11.23
N LYS A 248 3.28 10.63 -10.68
CA LYS A 248 1.97 10.87 -10.06
C LYS A 248 1.33 12.21 -10.43
N CYS A 249 2.01 12.95 -11.28
CA CYS A 249 1.47 14.21 -11.82
C CYS A 249 0.96 13.91 -13.25
N ASP A 250 0.74 12.62 -13.50
CA ASP A 250 0.20 12.12 -14.76
C ASP A 250 -0.68 10.85 -14.53
N GLY A 251 -0.11 9.83 -13.87
CA GLY A 251 -0.88 8.62 -13.56
C GLY A 251 -1.85 8.88 -12.43
N PRO A 252 -1.78 8.15 -11.30
CA PRO A 252 -2.70 8.36 -10.17
C PRO A 252 -2.67 9.77 -9.51
N SER A 253 -3.03 9.81 -8.22
CA SER A 253 -3.07 11.07 -7.45
C SER A 253 -1.71 11.16 -6.80
N ALA A 254 -1.53 12.04 -5.83
CA ALA A 254 -0.24 12.16 -5.19
C ALA A 254 -0.14 13.15 -4.04
N LEU A 255 0.51 12.70 -2.96
CA LEU A 255 0.68 13.50 -1.77
C LEU A 255 1.83 14.50 -1.84
N PRO A 256 1.51 15.77 -1.54
CA PRO A 256 2.50 16.85 -1.54
C PRO A 256 3.52 16.63 -0.40
N LEU A 257 4.71 16.11 -0.75
CA LEU A 257 5.80 15.83 0.20
C LEU A 257 5.86 16.68 1.48
N ALA A 258 5.80 18.00 1.33
CA ALA A 258 5.85 18.86 2.49
C ALA A 258 4.49 19.04 3.18
N LYS A 259 3.43 18.57 2.54
CA LYS A 259 2.10 18.68 3.11
C LYS A 259 1.81 17.50 4.04
N LEU A 260 2.69 16.51 4.03
CA LEU A 260 2.60 15.27 4.83
C LEU A 260 2.31 15.40 6.31
N GLU A 261 3.24 16.01 7.05
CA GLU A 261 3.13 16.16 8.52
C GLU A 261 1.72 16.33 9.15
N PRO A 262 1.04 17.44 8.86
CA PRO A 262 -0.29 17.63 9.45
C PRO A 262 -1.40 16.67 8.98
N PHE A 263 -1.12 15.93 7.92
CA PHE A 263 -2.06 14.99 7.32
C PHE A 263 -2.07 13.88 8.36
N LEU A 264 -0.89 13.36 8.65
CA LEU A 264 -0.74 12.29 9.61
C LEU A 264 -1.25 12.72 10.98
N LYS A 265 -0.95 13.94 11.43
CA LYS A 265 -1.47 14.39 12.72
C LYS A 265 -3.01 14.25 12.76
N GLN A 266 -3.61 14.26 11.57
CA GLN A 266 -5.05 14.10 11.45
C GLN A 266 -5.25 12.60 11.66
N MET A 267 -4.60 11.82 10.80
CA MET A 267 -4.71 10.38 10.84
C MET A 267 -4.32 9.78 12.18
N LYS A 268 -3.38 10.41 12.89
CA LYS A 268 -2.99 9.87 14.17
C LYS A 268 -4.07 10.14 15.18
N ALA A 269 -4.56 11.37 15.25
CA ALA A 269 -5.58 11.71 16.24
C ALA A 269 -6.90 11.06 15.95
N ILE A 270 -7.30 11.02 14.69
CA ILE A 270 -8.58 10.39 14.32
C ILE A 270 -8.54 8.93 14.65
N ASP A 271 -7.48 8.27 14.18
CA ASP A 271 -7.28 6.85 14.42
C ASP A 271 -7.27 6.72 15.93
N ASP A 272 -6.56 7.64 16.56
CA ASP A 272 -6.36 7.58 17.97
C ASP A 272 -7.55 7.15 18.75
N LEU A 273 -8.63 7.89 18.64
CA LEU A 273 -9.77 7.50 19.43
C LEU A 273 -10.66 6.43 18.83
N VAL A 274 -10.08 5.58 17.99
CA VAL A 274 -10.84 4.50 17.39
C VAL A 274 -10.28 3.19 17.83
N LYS A 275 -8.97 3.07 17.80
CA LYS A 275 -8.34 1.83 18.27
C LYS A 275 -8.62 1.85 19.80
N GLY A 276 -8.95 3.03 20.31
CA GLY A 276 -9.27 3.19 21.71
C GLY A 276 -10.64 2.56 21.83
N PHE A 277 -11.66 3.27 21.34
CA PHE A 277 -13.06 2.81 21.37
C PHE A 277 -13.27 1.33 21.63
N GLU A 278 -13.87 1.05 22.79
CA GLU A 278 -14.12 -0.32 23.22
C GLU A 278 -15.15 -0.95 22.35
N GLU A 279 -14.74 -2.08 21.76
CA GLU A 279 -15.52 -2.92 20.86
C GLU A 279 -17.00 -2.82 21.14
N LEU A 280 -17.72 -2.40 20.11
CA LEU A 280 -19.18 -2.29 20.16
C LEU A 280 -19.60 -3.01 18.87
N ASP A 281 -20.89 -3.18 18.71
CA ASP A 281 -21.42 -3.91 17.56
C ASP A 281 -22.93 -3.75 17.73
N THR A 282 -23.66 -3.73 16.63
CA THR A 282 -25.11 -3.52 16.70
C THR A 282 -25.98 -4.55 15.98
N SER A 283 -25.59 -5.82 16.08
CA SER A 283 -26.38 -6.92 15.48
C SER A 283 -27.39 -7.39 16.53
N LYS A 284 -27.72 -6.51 17.46
CA LYS A 284 -28.64 -6.78 18.57
C LYS A 284 -28.80 -5.53 19.48
#